data_4IIP
#
_entry.id   4IIP
#
_cell.length_a   60.532
_cell.length_b   71.422
_cell.length_c   88.185
_cell.angle_alpha   90.00
_cell.angle_beta   90.00
_cell.angle_gamma   90.00
#
_symmetry.space_group_name_H-M   'P 21 21 21'
#
loop_
_entity.id
_entity.type
_entity.pdbx_description
1 polymer 'Adenosine monophosphate-protein hydrolase SidD'
2 non-polymer GLYCEROL
3 non-polymer 'CHLORIDE ION'
4 water water
#
_entity_poly.entity_id   1
_entity_poly.type   'polypeptide(L)'
_entity_poly.pdbx_seq_one_letter_code
;MRSIITQICNGVLHGQSYQSGSNDLDKGNSEIFASSLFVHLNEQGKEIIKHKDSDDKIVIGYTKDGMAFQIVVAGFYGCE
RQAVFSFIDNYVLPLIDNFSLDLTRYPDSKKVTESLIHTIYSLRSKHAPLAEFTMSLCVTYQKDEQLFCAGFGIGDTGIA
IKRNEGTIEQLVCHTEVDGFKDAFDNYSSANIDLVIERNSVFNTKVMPGDELVGYTYVPPMLEMTEKEFEVETVDGKKIN
KRIVRHLNLDPGNFDDKDPLFSQLLQVVKSKQKQLVEQAKETGQIQRFGDDFTVGRLVIPDQLLINQLRIHALSHHHHH
;
_entity_poly.pdbx_strand_id   A
#
# COMPACT_ATOMS: atom_id res chain seq x y z
N MET A 1 -19.69 2.59 10.69
CA MET A 1 -19.36 2.23 9.27
C MET A 1 -19.91 0.82 8.90
N ARG A 2 -20.09 0.52 7.61
CA ARG A 2 -20.66 -0.79 7.20
C ARG A 2 -19.55 -1.84 6.86
N SER A 3 -18.39 -1.37 6.41
CA SER A 3 -17.26 -2.23 6.13
C SER A 3 -16.74 -2.95 7.40
N ILE A 4 -16.21 -4.15 7.22
CA ILE A 4 -15.61 -4.95 8.28
C ILE A 4 -14.07 -4.69 8.22
N ILE A 5 -13.51 -4.14 9.27
CA ILE A 5 -12.06 -3.92 9.25
C ILE A 5 -11.40 -5.08 9.95
N THR A 6 -10.61 -5.90 9.26
CA THR A 6 -9.89 -6.99 9.99
C THR A 6 -8.48 -6.67 10.49
N GLN A 7 -7.81 -5.70 9.91
CA GLN A 7 -6.51 -5.24 10.37
C GLN A 7 -6.38 -3.75 10.09
N ILE A 8 -5.80 -3.02 11.04
CA ILE A 8 -5.55 -1.59 10.86
C ILE A 8 -4.35 -1.25 11.67
N CYS A 9 -3.50 -0.39 11.12
CA CYS A 9 -2.34 0.07 11.83
CA CYS A 9 -2.39 0.11 11.89
C CYS A 9 -2.23 1.58 11.58
N ASN A 10 -2.34 2.42 12.61
CA ASN A 10 -2.26 3.87 12.49
C ASN A 10 -0.86 4.27 12.99
N GLY A 11 0.14 4.10 12.19
CA GLY A 11 1.48 4.51 12.61
C GLY A 11 1.98 3.47 13.58
N VAL A 12 3.15 3.69 14.12
CA VAL A 12 3.66 2.90 15.24
CA VAL A 12 3.74 2.84 15.16
C VAL A 12 4.67 3.78 15.95
N LEU A 13 4.75 3.61 17.26
CA LEU A 13 5.62 4.47 18.11
C LEU A 13 7.09 4.23 17.78
N HIS A 14 7.89 5.31 17.80
CA HIS A 14 9.37 5.25 17.59
C HIS A 14 9.95 4.14 18.50
N GLY A 15 10.91 3.41 18.00
CA GLY A 15 11.51 2.31 18.77
C GLY A 15 10.67 1.02 18.88
N GLN A 16 9.49 0.94 18.24
CA GLN A 16 8.60 -0.24 18.41
C GLN A 16 8.26 -0.89 17.09
N SER A 17 7.95 -2.19 17.09
CA SER A 17 7.41 -2.84 15.89
CA SER A 17 7.44 -2.90 15.93
C SER A 17 5.99 -3.25 16.23
N TYR A 18 5.21 -3.57 15.21
CA TYR A 18 3.83 -4.00 15.43
C TYR A 18 3.63 -5.22 14.59
N GLN A 19 3.13 -6.24 15.19
CA GLN A 19 2.74 -7.44 14.50
C GLN A 19 1.29 -7.72 14.86
N SER A 20 0.41 -7.73 13.89
CA SER A 20 -0.99 -7.75 14.16
C SER A 20 -1.52 -9.06 14.73
N GLY A 21 -0.90 -10.17 14.36
CA GLY A 21 -1.53 -11.44 14.52
C GLY A 21 -2.63 -11.66 13.45
N SER A 22 -3.28 -12.80 13.51
CA SER A 22 -4.34 -13.21 12.57
C SER A 22 -5.70 -12.76 13.12
N ASN A 23 -6.68 -12.68 12.27
CA ASN A 23 -8.06 -12.40 12.69
C ASN A 23 -8.84 -13.63 12.30
N ASP A 24 -9.51 -14.24 13.29
CA ASP A 24 -10.27 -15.45 13.03
C ASP A 24 -11.42 -15.20 12.07
N LEU A 25 -11.93 -13.97 11.95
CA LEU A 25 -13.07 -13.69 11.07
C LEU A 25 -12.81 -14.02 9.65
N ASP A 26 -11.60 -13.73 9.19
CA ASP A 26 -11.21 -14.06 7.86
C ASP A 26 -10.16 -15.20 7.76
N LYS A 27 -10.18 -16.06 8.76
CA LYS A 27 -9.37 -17.31 8.71
C LYS A 27 -7.91 -17.02 8.42
N GLY A 28 -7.38 -16.00 9.06
CA GLY A 28 -5.95 -15.71 8.91
C GLY A 28 -5.51 -15.14 7.62
N ASN A 29 -6.45 -14.69 6.81
CA ASN A 29 -6.13 -14.15 5.47
C ASN A 29 -5.50 -12.73 5.42
N SER A 30 -5.53 -12.05 6.54
CA SER A 30 -5.06 -10.67 6.61
C SER A 30 -4.15 -10.47 7.81
N GLU A 31 -3.08 -9.73 7.58
CA GLU A 31 -2.11 -9.44 8.63
C GLU A 31 -1.38 -8.09 8.29
N ILE A 32 -0.83 -7.47 9.32
CA ILE A 32 0.01 -6.30 9.20
C ILE A 32 1.26 -6.46 9.98
N PHE A 33 2.35 -5.95 9.39
CA PHE A 33 3.62 -5.81 10.12
C PHE A 33 4.09 -4.39 9.92
N ALA A 34 4.58 -3.76 10.98
CA ALA A 34 5.12 -2.40 10.83
C ALA A 34 6.38 -2.19 11.69
N SER A 35 7.56 -2.05 11.00
N SER A 35 7.18 -1.24 11.25
CA SER A 35 8.89 -1.68 11.64
CA SER A 35 8.35 -0.93 11.99
C SER A 35 9.57 -0.49 10.92
C SER A 35 9.07 0.21 11.32
N SER A 36 10.38 0.28 11.63
CA SER A 36 11.16 1.37 11.04
C SER A 36 12.47 0.76 10.57
N LEU A 37 12.88 1.09 9.37
CA LEU A 37 14.22 0.70 8.85
C LEU A 37 15.17 1.92 8.89
N PHE A 38 14.76 2.95 9.61
CA PHE A 38 15.56 4.14 9.81
C PHE A 38 16.78 3.84 10.64
N VAL A 39 17.95 4.19 10.13
CA VAL A 39 19.23 3.97 10.81
C VAL A 39 19.88 5.34 10.89
N HIS A 40 20.28 5.72 12.10
CA HIS A 40 20.82 7.05 12.33
C HIS A 40 21.95 6.88 13.32
N LEU A 41 23.18 7.02 12.84
CA LEU A 41 24.36 6.79 13.69
C LEU A 41 25.18 8.06 13.87
N ASN A 42 25.69 8.24 15.11
CA ASN A 42 26.66 9.32 15.43
C ASN A 42 28.05 8.95 14.91
N GLU A 43 29.01 9.87 15.11
CA GLU A 43 30.39 9.67 14.65
C GLU A 43 31.04 8.40 15.24
N GLN A 44 30.82 8.15 16.52
CA GLN A 44 31.26 6.91 17.17
C GLN A 44 30.52 5.63 16.70
N GLY A 45 29.60 5.79 15.74
CA GLY A 45 28.80 4.68 15.21
C GLY A 45 27.72 4.14 16.16
N LYS A 46 27.25 4.95 17.11
CA LYS A 46 26.17 4.52 18.03
C LYS A 46 24.85 5.16 17.59
N GLU A 47 23.77 4.45 17.95
CA GLU A 47 22.41 4.74 17.48
C GLU A 47 22.00 6.01 18.17
N ILE A 48 21.15 6.81 17.53
CA ILE A 48 20.68 8.07 18.10
C ILE A 48 19.23 8.07 18.59
N LYS A 52 10.81 9.65 16.63
CA LYS A 52 9.99 10.13 15.50
C LYS A 52 9.02 9.03 15.05
N ASP A 53 7.74 9.22 15.23
CA ASP A 53 6.76 8.18 15.01
C ASP A 53 6.52 7.90 13.53
N SER A 54 6.04 6.71 13.23
CA SER A 54 5.71 6.39 11.83
C SER A 54 4.49 7.15 11.35
N ASP A 55 4.50 7.48 10.09
CA ASP A 55 3.40 8.15 9.41
C ASP A 55 2.71 7.26 8.39
N ASP A 56 2.88 5.93 8.52
CA ASP A 56 2.28 4.94 7.61
C ASP A 56 0.99 4.46 8.23
N LYS A 57 0.07 4.05 7.38
CA LYS A 57 -1.18 3.46 7.79
C LYS A 57 -1.57 2.40 6.76
N ILE A 58 -1.98 1.26 7.27
CA ILE A 58 -2.62 0.23 6.43
C ILE A 58 -3.93 -0.12 7.04
N VAL A 59 -4.90 -0.33 6.18
CA VAL A 59 -6.21 -0.84 6.54
C VAL A 59 -6.54 -2.01 5.62
N ILE A 60 -6.98 -3.12 6.24
CA ILE A 60 -7.43 -4.28 5.49
C ILE A 60 -8.79 -4.68 6.02
N GLY A 61 -9.69 -4.99 5.12
CA GLY A 61 -11.02 -5.43 5.49
C GLY A 61 -11.86 -5.88 4.30
N TYR A 62 -13.17 -5.85 4.52
CA TYR A 62 -14.11 -6.41 3.56
C TYR A 62 -15.29 -5.46 3.52
N THR A 63 -15.81 -5.22 2.32
CA THR A 63 -17.06 -4.44 2.26
C THR A 63 -18.26 -5.26 2.86
N LYS A 64 -19.39 -4.60 3.09
CA LYS A 64 -20.63 -5.31 3.44
C LYS A 64 -21.06 -6.39 2.46
N ASP A 65 -20.57 -6.36 1.23
CA ASP A 65 -20.75 -7.44 0.28
C ASP A 65 -19.67 -8.50 0.26
N GLY A 66 -18.79 -8.49 1.23
CA GLY A 66 -17.80 -9.48 1.25
C GLY A 66 -16.59 -9.26 0.37
N MET A 67 -16.44 -8.10 -0.20
CA MET A 67 -15.35 -7.87 -1.14
C MET A 67 -14.13 -7.36 -0.36
N ALA A 68 -12.97 -7.90 -0.65
CA ALA A 68 -11.75 -7.65 0.18
C ALA A 68 -11.03 -6.39 -0.32
N PHE A 69 -10.51 -5.58 0.58
CA PHE A 69 -9.72 -4.44 0.19
C PHE A 69 -8.47 -4.27 1.06
N GLN A 70 -7.47 -3.63 0.48
CA GLN A 70 -6.33 -3.18 1.20
C GLN A 70 -5.98 -1.71 0.81
N ILE A 71 -5.69 -0.92 1.80
CA ILE A 71 -5.30 0.47 1.61
C ILE A 71 -3.94 0.64 2.27
N VAL A 72 -2.99 1.19 1.52
CA VAL A 72 -1.62 1.41 1.92
C VAL A 72 -1.25 2.91 1.77
N VAL A 73 -0.90 3.53 2.89
CA VAL A 73 -0.74 5.02 2.96
C VAL A 73 0.58 5.38 3.66
N ALA A 74 1.29 6.35 3.10
CA ALA A 74 2.47 6.90 3.76
C ALA A 74 2.40 8.40 3.81
N GLY A 75 2.29 8.94 5.01
CA GLY A 75 2.23 10.40 5.15
C GLY A 75 3.57 11.07 4.96
N PHE A 76 3.54 12.30 4.44
CA PHE A 76 4.78 13.07 4.24
C PHE A 76 5.41 13.58 5.52
N TYR A 77 4.62 14.18 6.40
CA TYR A 77 5.12 14.95 7.49
C TYR A 77 4.55 14.52 8.82
N GLY A 78 5.43 14.41 9.82
CA GLY A 78 5.00 13.96 11.17
C GLY A 78 3.90 14.76 11.81
N CYS A 79 3.93 16.07 11.60
CA CYS A 79 3.01 16.92 12.33
C CYS A 79 1.62 16.83 11.75
N GLU A 80 1.52 16.23 10.58
CA GLU A 80 0.23 15.98 9.92
C GLU A 80 -0.30 14.55 10.03
N ARG A 81 0.36 13.66 10.76
CA ARG A 81 0.01 12.23 10.70
CA ARG A 81 -0.01 12.25 10.64
C ARG A 81 -1.43 11.97 11.06
N GLN A 82 -1.95 12.65 12.08
CA GLN A 82 -3.35 12.45 12.47
C GLN A 82 -4.34 12.91 11.48
N ALA A 83 -4.01 13.98 10.74
CA ALA A 83 -4.89 14.46 9.70
C ALA A 83 -4.95 13.43 8.59
N VAL A 84 -3.81 12.81 8.28
CA VAL A 84 -3.81 11.77 7.25
C VAL A 84 -4.61 10.58 7.72
N PHE A 85 -4.35 10.14 8.93
CA PHE A 85 -5.00 8.94 9.48
C PHE A 85 -6.52 9.11 9.55
N SER A 86 -6.96 10.30 9.99
CA SER A 86 -8.35 10.65 10.03
C SER A 86 -9.01 10.70 8.65
N PHE A 87 -8.32 11.27 7.66
CA PHE A 87 -8.85 11.39 6.31
C PHE A 87 -9.11 10.02 5.72
N ILE A 88 -8.21 9.08 6.00
CA ILE A 88 -8.45 7.75 5.45
C ILE A 88 -9.74 7.18 6.06
N ASP A 89 -9.87 7.24 7.40
CA ASP A 89 -11.07 6.68 8.06
C ASP A 89 -12.34 7.40 7.62
N ASN A 90 -12.32 8.72 7.47
CA ASN A 90 -13.58 9.49 7.34
C ASN A 90 -14.01 9.67 5.93
N TYR A 91 -13.08 9.61 5.00
CA TYR A 91 -13.37 9.88 3.63
C TYR A 91 -13.00 8.86 2.61
N VAL A 92 -11.92 8.14 2.83
CA VAL A 92 -11.52 7.12 1.87
C VAL A 92 -12.22 5.79 2.06
N LEU A 93 -12.22 5.29 3.27
CA LEU A 93 -12.87 4.03 3.62
CA LEU A 93 -12.83 4.05 3.57
C LEU A 93 -14.31 3.97 3.19
N PRO A 94 -15.09 5.07 3.36
CA PRO A 94 -16.52 4.95 2.96
C PRO A 94 -16.74 4.86 1.45
N LEU A 95 -15.71 5.06 0.63
CA LEU A 95 -15.86 5.01 -0.80
C LEU A 95 -15.72 3.62 -1.36
N ILE A 96 -15.18 2.72 -0.56
CA ILE A 96 -14.75 1.47 -1.09
C ILE A 96 -15.89 0.57 -1.52
N ASP A 97 -16.93 0.47 -0.70
CA ASP A 97 -18.10 -0.36 -1.16
C ASP A 97 -18.62 0.06 -2.55
N ASN A 98 -18.83 1.37 -2.75
CA ASN A 98 -19.32 1.82 -4.04
C ASN A 98 -18.27 1.70 -5.13
N PHE A 99 -16.97 1.76 -4.82
CA PHE A 99 -15.98 1.48 -5.82
C PHE A 99 -16.16 0.02 -6.35
N SER A 100 -16.31 -0.95 -5.45
CA SER A 100 -16.48 -2.35 -5.87
C SER A 100 -17.74 -2.51 -6.74
N LEU A 101 -18.81 -1.88 -6.33
CA LEU A 101 -20.11 -1.96 -7.02
C LEU A 101 -20.00 -1.30 -8.37
N ASP A 102 -19.31 -0.15 -8.46
CA ASP A 102 -19.17 0.50 -9.76
C ASP A 102 -18.29 -0.32 -10.71
N LEU A 103 -17.25 -0.95 -10.16
CA LEU A 103 -16.37 -1.78 -10.99
C LEU A 103 -17.18 -2.95 -11.58
N THR A 104 -18.08 -3.47 -10.80
CA THR A 104 -19.02 -4.53 -11.27
C THR A 104 -19.93 -3.99 -12.38
N ARG A 105 -20.45 -2.78 -12.20
CA ARG A 105 -21.59 -2.28 -12.99
C ARG A 105 -21.22 -1.52 -14.22
N TYR A 106 -20.02 -0.98 -14.30
CA TYR A 106 -19.60 -0.20 -15.49
C TYR A 106 -18.59 -1.01 -16.27
N PRO A 107 -18.54 -0.81 -17.58
CA PRO A 107 -17.65 -1.62 -18.42
C PRO A 107 -16.14 -1.34 -18.28
N ASP A 108 -15.77 -0.09 -18.04
CA ASP A 108 -14.35 0.32 -18.10
C ASP A 108 -13.77 0.58 -16.71
N SER A 109 -13.05 -0.38 -16.17
CA SER A 109 -12.53 -0.29 -14.79
C SER A 109 -11.60 0.92 -14.67
N LYS A 110 -10.97 1.30 -15.77
CA LYS A 110 -9.99 2.34 -15.75
C LYS A 110 -10.64 3.68 -15.52
N LYS A 111 -11.76 3.88 -16.17
CA LYS A 111 -12.58 5.07 -15.96
C LYS A 111 -13.17 5.14 -14.56
N VAL A 112 -13.61 4.00 -14.05
CA VAL A 112 -14.14 3.96 -12.70
C VAL A 112 -13.05 4.36 -11.67
N THR A 113 -11.86 3.78 -11.88
CA THR A 113 -10.70 4.08 -10.96
C THR A 113 -10.24 5.51 -11.03
N GLU A 114 -10.10 6.03 -12.23
CA GLU A 114 -9.80 7.46 -12.48
C GLU A 114 -10.78 8.42 -11.85
N SER A 115 -12.04 8.10 -11.94
CA SER A 115 -13.05 8.87 -11.28
CA SER A 115 -13.05 8.89 -11.27
C SER A 115 -12.90 8.80 -9.76
N LEU A 116 -12.57 7.62 -9.23
CA LEU A 116 -12.35 7.52 -7.77
C LEU A 116 -11.15 8.37 -7.32
N ILE A 117 -10.09 8.34 -8.09
CA ILE A 117 -8.93 9.17 -7.76
C ILE A 117 -9.30 10.66 -7.72
N HIS A 118 -10.03 11.16 -8.74
CA HIS A 118 -10.46 12.55 -8.72
C HIS A 118 -11.28 12.92 -7.50
N THR A 119 -12.14 11.99 -7.13
CA THR A 119 -13.01 12.14 -5.95
C THR A 119 -12.22 12.21 -4.70
N ILE A 120 -11.18 11.40 -4.58
CA ILE A 120 -10.33 11.47 -3.39
C ILE A 120 -9.58 12.81 -3.29
N TYR A 121 -9.01 13.27 -4.38
CA TYR A 121 -8.41 14.58 -4.41
C TYR A 121 -9.41 15.69 -4.03
N SER A 122 -10.62 15.62 -4.57
CA SER A 122 -11.65 16.60 -4.19
C SER A 122 -11.98 16.64 -2.71
N LEU A 123 -12.21 15.46 -2.10
CA LEU A 123 -12.50 15.43 -0.73
C LEU A 123 -11.36 15.87 0.17
N ARG A 124 -10.14 15.57 -0.27
CA ARG A 124 -8.97 15.98 0.48
C ARG A 124 -8.87 17.51 0.50
N SER A 125 -9.09 18.12 -0.64
CA SER A 125 -8.98 19.58 -0.69
CA SER A 125 -9.06 19.59 -0.77
C SER A 125 -10.15 20.22 0.09
N LYS A 126 -11.34 19.63 0.03
CA LYS A 126 -12.49 20.23 0.74
C LYS A 126 -12.45 20.00 2.22
N HIS A 127 -11.91 18.87 2.65
CA HIS A 127 -12.07 18.44 4.02
C HIS A 127 -10.78 18.16 4.78
N ALA A 128 -9.64 18.05 4.10
CA ALA A 128 -8.40 17.63 4.84
C ALA A 128 -7.13 18.21 4.24
N PRO A 129 -6.98 19.55 4.31
CA PRO A 129 -5.86 20.13 3.60
C PRO A 129 -4.54 19.66 4.17
N LEU A 130 -4.48 19.32 5.46
CA LEU A 130 -3.19 18.85 5.98
C LEU A 130 -2.93 17.35 5.69
N ALA A 131 -3.87 16.65 5.05
CA ALA A 131 -3.65 15.24 4.80
C ALA A 131 -2.83 15.16 3.53
N GLU A 132 -1.51 15.04 3.65
CA GLU A 132 -0.64 14.96 2.48
C GLU A 132 0.03 13.59 2.51
N PHE A 133 -0.18 12.76 1.49
CA PHE A 133 0.25 11.37 1.60
C PHE A 133 0.25 10.71 0.29
N THR A 134 1.01 9.62 0.22
CA THR A 134 0.99 8.70 -0.95
C THR A 134 0.07 7.57 -0.63
N MET A 135 -0.53 6.95 -1.62
CA MET A 135 -1.46 5.88 -1.32
C MET A 135 -1.68 4.96 -2.47
N SER A 136 -1.77 3.66 -2.14
CA SER A 136 -2.27 2.66 -3.07
CA SER A 136 -2.19 2.57 -3.01
C SER A 136 -3.47 1.95 -2.44
N LEU A 137 -4.34 1.45 -3.29
CA LEU A 137 -5.49 0.72 -2.80
C LEU A 137 -5.97 -0.27 -3.81
N CYS A 138 -6.66 -1.26 -3.30
CA CYS A 138 -7.34 -2.19 -4.19
C CYS A 138 -8.55 -2.86 -3.54
N VAL A 139 -9.47 -3.26 -4.38
CA VAL A 139 -10.69 -3.91 -3.95
C VAL A 139 -11.02 -5.02 -4.88
N THR A 140 -11.61 -6.07 -4.35
CA THR A 140 -12.18 -7.04 -5.22
C THR A 140 -13.64 -6.71 -5.65
N TYR A 141 -14.01 -7.33 -6.77
CA TYR A 141 -15.34 -7.22 -7.30
C TYR A 141 -15.65 -8.46 -8.15
N GLN A 142 -16.94 -8.74 -8.25
CA GLN A 142 -17.44 -9.92 -8.97
C GLN A 142 -18.12 -9.49 -10.27
N LYS A 143 -17.74 -10.14 -11.35
CA LYS A 143 -18.28 -9.89 -12.66
C LYS A 143 -18.20 -11.18 -13.44
N ASP A 144 -19.24 -11.47 -14.20
CA ASP A 144 -19.25 -12.68 -15.05
C ASP A 144 -18.88 -13.95 -14.28
N GLU A 145 -19.42 -14.09 -13.10
CA GLU A 145 -19.17 -15.21 -12.22
C GLU A 145 -17.66 -15.47 -11.94
N GLN A 146 -16.84 -14.42 -12.08
CA GLN A 146 -15.41 -14.45 -11.73
C GLN A 146 -15.12 -13.32 -10.75
N LEU A 147 -13.95 -13.38 -10.17
CA LEU A 147 -13.53 -12.38 -9.15
C LEU A 147 -12.35 -11.63 -9.76
N PHE A 148 -12.39 -10.33 -9.63
CA PHE A 148 -11.33 -9.46 -10.14
C PHE A 148 -10.84 -8.54 -9.01
N CYS A 149 -9.73 -7.84 -9.22
CA CYS A 149 -9.17 -6.92 -8.24
C CYS A 149 -8.70 -5.72 -9.03
N ALA A 150 -9.13 -4.51 -8.66
CA ALA A 150 -8.69 -3.31 -9.34
C ALA A 150 -8.27 -2.26 -8.33
N GLY A 151 -7.49 -1.30 -8.75
CA GLY A 151 -6.99 -0.31 -7.80
C GLY A 151 -6.00 0.56 -8.47
N PHE A 152 -5.21 1.20 -7.65
CA PHE A 152 -4.26 2.21 -8.13
C PHE A 152 -3.22 2.46 -7.06
N GLY A 153 -2.22 3.19 -7.45
CA GLY A 153 -1.27 3.80 -6.56
C GLY A 153 -0.70 5.08 -7.11
N ILE A 154 -0.75 6.10 -6.28
CA ILE A 154 -0.07 7.36 -6.54
C ILE A 154 1.01 7.55 -5.54
N GLY A 155 2.25 7.59 -6.02
CA GLY A 155 3.38 7.78 -5.14
C GLY A 155 4.25 6.54 -5.03
N ASP A 156 4.83 6.38 -3.86
CA ASP A 156 5.91 5.41 -3.66
C ASP A 156 5.53 4.11 -2.91
N THR A 157 4.25 3.88 -2.60
CA THR A 157 3.83 2.63 -2.02
C THR A 157 3.64 1.63 -3.13
N GLY A 158 3.63 0.33 -2.78
CA GLY A 158 3.50 -0.73 -3.78
C GLY A 158 2.51 -1.78 -3.35
N ILE A 159 2.02 -2.57 -4.32
CA ILE A 159 1.20 -3.73 -4.12
C ILE A 159 1.64 -4.75 -5.13
N ALA A 160 2.02 -5.88 -4.60
CA ALA A 160 2.36 -7.08 -5.39
C ALA A 160 1.44 -8.19 -5.11
N ILE A 161 1.43 -9.20 -5.99
CA ILE A 161 0.57 -10.35 -5.79
C ILE A 161 1.38 -11.60 -6.04
N LYS A 162 1.21 -12.59 -5.23
CA LYS A 162 1.75 -13.96 -5.49
C LYS A 162 0.57 -14.85 -5.78
N ARG A 163 0.53 -15.33 -7.02
CA ARG A 163 -0.52 -16.19 -7.48
C ARG A 163 -0.38 -17.61 -6.93
N ASN A 164 -1.47 -18.32 -6.88
CA ASN A 164 -1.46 -19.67 -6.39
C ASN A 164 -0.32 -20.54 -6.94
N GLU A 165 0.05 -20.40 -8.20
CA GLU A 165 1.14 -21.26 -8.76
C GLU A 165 2.54 -20.72 -8.48
N GLY A 166 2.64 -19.58 -7.81
CA GLY A 166 3.89 -19.12 -7.26
C GLY A 166 4.49 -17.87 -7.88
N THR A 167 4.02 -17.47 -9.04
CA THR A 167 4.52 -16.28 -9.72
CA THR A 167 4.55 -16.28 -9.71
C THR A 167 4.09 -15.01 -8.98
N ILE A 168 5.03 -14.10 -8.89
CA ILE A 168 4.87 -12.81 -8.20
C ILE A 168 4.78 -11.82 -9.27
N GLU A 169 3.74 -11.01 -9.24
CA GLU A 169 3.73 -9.88 -10.16
C GLU A 169 3.39 -8.58 -9.45
N GLN A 170 3.69 -7.46 -10.08
CA GLN A 170 3.46 -6.18 -9.48
C GLN A 170 2.08 -5.72 -9.98
N LEU A 171 1.24 -5.29 -9.07
CA LEU A 171 0.00 -4.64 -9.46
C LEU A 171 0.09 -3.10 -9.42
N VAL A 172 0.69 -2.56 -8.38
CA VAL A 172 0.94 -1.13 -8.27
C VAL A 172 2.43 -0.96 -8.03
N CYS A 173 3.13 -0.24 -8.88
CA CYS A 173 4.52 0.00 -8.66
C CYS A 173 4.80 1.22 -7.77
N HIS A 174 6.00 1.28 -7.23
CA HIS A 174 6.59 2.45 -6.60
C HIS A 174 6.96 3.36 -7.77
N THR A 175 6.39 4.55 -7.86
CA THR A 175 6.65 5.45 -9.00
C THR A 175 7.51 6.56 -8.52
N GLU A 176 8.60 6.86 -9.25
CA GLU A 176 9.46 8.01 -8.93
C GLU A 176 9.44 8.95 -10.14
N VAL A 177 9.29 10.24 -9.89
CA VAL A 177 9.26 11.26 -10.94
C VAL A 177 10.35 12.28 -10.62
N ASP A 178 11.31 12.42 -11.50
CA ASP A 178 12.38 13.43 -11.30
C ASP A 178 11.91 14.74 -10.79
N GLY A 179 12.42 15.18 -9.64
CA GLY A 179 12.08 16.52 -9.13
C GLY A 179 10.69 16.67 -8.48
N PHE A 180 9.86 15.62 -8.52
CA PHE A 180 8.51 15.66 -7.96
C PHE A 180 8.40 14.58 -6.87
N LYS A 181 7.28 14.64 -6.17
CA LYS A 181 6.91 13.67 -5.14
C LYS A 181 5.42 13.48 -5.37
N ASP A 182 4.97 12.63 -6.28
CA ASP A 182 3.49 12.63 -6.62
C ASP A 182 2.71 12.07 -5.45
N ALA A 183 1.62 12.73 -5.07
CA ALA A 183 0.94 12.39 -3.82
C ALA A 183 -0.46 12.93 -3.85
N PHE A 184 -1.20 12.56 -2.84
CA PHE A 184 -2.44 13.22 -2.55
C PHE A 184 -2.03 14.44 -1.74
N ASP A 185 -1.95 15.53 -2.44
CA ASP A 185 -1.58 16.80 -1.81
C ASP A 185 -1.97 17.98 -2.70
N ASN A 186 -1.71 19.17 -2.20
CA ASN A 186 -2.24 20.41 -2.83
C ASN A 186 -1.48 20.56 -4.11
N TYR A 187 -0.17 20.37 -4.03
CA TYR A 187 0.70 20.47 -5.22
C TYR A 187 0.27 19.58 -6.40
N SER A 188 0.06 18.28 -6.14
CA SER A 188 -0.28 17.33 -7.20
C SER A 188 -1.71 17.48 -7.71
N SER A 189 -2.54 18.14 -6.95
CA SER A 189 -3.94 18.28 -7.33
C SER A 189 -4.17 19.26 -8.48
N ALA A 190 -3.16 20.11 -8.76
CA ALA A 190 -3.15 20.98 -9.94
C ALA A 190 -3.14 20.28 -11.29
N ASN A 191 -2.66 19.02 -11.38
CA ASN A 191 -2.65 18.27 -12.64
CA ASN A 191 -2.65 18.27 -12.66
C ASN A 191 -2.90 16.77 -12.42
N ILE A 192 -4.09 16.46 -11.97
CA ILE A 192 -4.41 15.11 -11.54
C ILE A 192 -4.35 14.13 -12.65
N ASP A 193 -4.82 14.49 -13.84
CA ASP A 193 -4.76 13.50 -14.92
C ASP A 193 -3.35 13.14 -15.41
N LEU A 194 -2.43 14.11 -15.43
CA LEU A 194 -1.05 13.79 -15.70
C LEU A 194 -0.48 12.87 -14.57
N VAL A 195 -0.80 13.19 -13.34
CA VAL A 195 -0.30 12.38 -12.20
C VAL A 195 -0.79 10.95 -12.43
N ILE A 196 -2.06 10.79 -12.75
CA ILE A 196 -2.64 9.45 -12.91
C ILE A 196 -1.94 8.69 -14.03
N GLU A 197 -1.65 9.38 -15.13
CA GLU A 197 -1.08 8.67 -16.29
C GLU A 197 0.33 8.19 -16.06
N ARG A 198 1.09 8.86 -15.21
CA ARG A 198 2.46 8.38 -14.91
C ARG A 198 2.62 7.50 -13.65
N ASN A 199 1.52 7.21 -12.94
CA ASN A 199 1.52 6.33 -11.74
C ASN A 199 0.85 5.05 -12.17
N SER A 200 0.09 4.36 -11.31
CA SER A 200 -0.35 2.97 -11.59
C SER A 200 -1.87 2.87 -11.43
N VAL A 201 -2.56 2.32 -12.42
CA VAL A 201 -3.93 1.85 -12.25
CA VAL A 201 -3.93 1.88 -12.30
C VAL A 201 -3.93 0.43 -12.77
N PHE A 202 -4.68 -0.47 -12.15
CA PHE A 202 -4.67 -1.87 -12.56
C PHE A 202 -6.02 -2.50 -12.42
N ASN A 203 -6.20 -3.60 -13.18
CA ASN A 203 -7.38 -4.45 -13.07
C ASN A 203 -6.96 -5.82 -13.45
N THR A 204 -7.23 -6.80 -12.60
CA THR A 204 -6.80 -8.18 -12.91
C THR A 204 -7.77 -9.21 -12.40
N LYS A 205 -7.84 -10.37 -13.07
CA LYS A 205 -8.51 -11.53 -12.54
C LYS A 205 -7.73 -12.07 -11.35
N VAL A 206 -8.43 -12.53 -10.33
CA VAL A 206 -7.79 -13.14 -9.15
C VAL A 206 -8.54 -14.41 -8.82
N MET A 207 -7.87 -15.32 -8.13
CA MET A 207 -8.49 -16.56 -7.65
C MET A 207 -8.30 -16.63 -6.15
N PRO A 208 -9.18 -17.31 -5.42
CA PRO A 208 -9.02 -17.52 -3.99
C PRO A 208 -7.67 -18.13 -3.71
N GLY A 209 -7.02 -17.59 -2.69
CA GLY A 209 -5.65 -17.99 -2.35
C GLY A 209 -4.51 -17.15 -2.92
N ASP A 210 -4.75 -16.42 -4.00
CA ASP A 210 -3.80 -15.44 -4.49
C ASP A 210 -3.57 -14.44 -3.30
N GLU A 211 -2.34 -13.93 -3.17
CA GLU A 211 -1.96 -13.22 -1.93
C GLU A 211 -1.45 -11.82 -2.36
N LEU A 212 -2.14 -10.78 -1.87
CA LEU A 212 -1.80 -9.40 -2.19
C LEU A 212 -0.92 -8.96 -1.07
N VAL A 213 0.16 -8.30 -1.37
CA VAL A 213 1.07 -7.74 -0.38
C VAL A 213 1.37 -6.32 -0.64
N GLY A 214 0.84 -5.45 0.26
CA GLY A 214 1.02 -4.04 0.12
C GLY A 214 2.19 -3.58 1.00
N TYR A 215 2.94 -2.59 0.56
CA TYR A 215 4.10 -2.08 1.31
C TYR A 215 4.44 -0.62 1.09
N THR A 216 4.89 0.04 2.13
N THR A 216 5.01 0.00 2.13
CA THR A 216 5.48 1.35 1.93
CA THR A 216 5.35 1.44 2.15
C THR A 216 6.95 1.17 1.53
C THR A 216 6.75 1.89 1.72
N TYR A 217 7.84 1.43 2.38
CA TYR A 217 9.20 1.58 1.92
C TYR A 217 9.87 0.23 2.03
N VAL A 218 10.65 -0.14 1.03
CA VAL A 218 11.60 -1.27 1.14
C VAL A 218 12.99 -0.71 0.77
N PRO A 219 14.03 -1.35 1.29
CA PRO A 219 15.37 -0.90 0.94
C PRO A 219 15.52 -0.97 -0.55
N PRO A 220 16.05 0.07 -1.17
CA PRO A 220 15.92 0.19 -2.66
C PRO A 220 16.67 -0.85 -3.48
N MET A 221 17.68 -1.54 -2.91
CA MET A 221 18.34 -2.58 -3.70
C MET A 221 17.44 -3.81 -3.85
N LEU A 222 16.32 -3.88 -3.11
CA LEU A 222 15.35 -4.95 -3.32
C LEU A 222 14.31 -4.72 -4.38
N GLU A 223 14.38 -3.58 -5.06
CA GLU A 223 13.52 -3.28 -6.18
C GLU A 223 14.33 -3.32 -7.46
N MET A 224 13.58 -3.38 -8.55
CA MET A 224 14.13 -3.30 -9.89
CA MET A 224 14.18 -3.22 -9.87
C MET A 224 13.30 -2.32 -10.70
N THR A 225 13.90 -1.80 -11.77
CA THR A 225 13.19 -0.84 -12.65
C THR A 225 12.47 -1.61 -13.71
N GLU A 226 11.15 -1.54 -13.71
CA GLU A 226 10.38 -2.27 -14.68
CA GLU A 226 10.36 -2.27 -14.67
C GLU A 226 10.23 -1.42 -15.94
N LYS A 227 10.24 -0.11 -15.80
CA LYS A 227 10.11 0.82 -16.92
C LYS A 227 10.66 2.20 -16.54
N GLU A 228 11.32 2.90 -17.50
CA GLU A 228 11.69 4.31 -17.36
C GLU A 228 11.15 5.02 -18.59
N PHE A 229 10.62 6.22 -18.43
CA PHE A 229 10.10 6.93 -19.54
C PHE A 229 10.09 8.41 -19.26
N GLU A 230 10.02 9.13 -20.36
CA GLU A 230 10.09 10.56 -20.33
C GLU A 230 8.68 11.07 -20.47
N VAL A 231 8.46 12.11 -19.73
CA VAL A 231 7.18 12.77 -19.71
C VAL A 231 7.47 14.25 -20.00
N GLU A 232 6.56 14.90 -20.74
CA GLU A 232 6.83 16.20 -21.39
C GLU A 232 6.87 17.41 -20.43
N THR A 233 5.79 17.61 -19.70
CA THR A 233 5.75 18.57 -18.57
C THR A 233 7.12 18.84 -17.93
N LYS A 241 10.06 18.30 -18.91
CA LYS A 241 11.00 17.30 -19.42
C LYS A 241 11.49 16.37 -18.27
N ARG A 242 10.69 15.37 -17.93
CA ARG A 242 10.92 14.63 -16.70
C ARG A 242 11.01 13.12 -16.88
N ILE A 243 11.89 12.50 -16.08
CA ILE A 243 12.01 11.08 -16.15
C ILE A 243 11.17 10.37 -15.06
N VAL A 244 10.39 9.38 -15.48
CA VAL A 244 9.53 8.61 -14.54
C VAL A 244 10.09 7.22 -14.50
N ARG A 245 10.20 6.68 -13.30
CA ARG A 245 10.62 5.28 -13.10
C ARG A 245 9.52 4.52 -12.36
N HIS A 246 9.18 3.36 -12.91
CA HIS A 246 8.36 2.40 -12.22
C HIS A 246 9.19 1.29 -11.60
N LEU A 247 9.13 1.18 -10.26
CA LEU A 247 9.93 0.23 -9.48
C LEU A 247 9.10 -0.87 -8.91
N ASN A 248 9.53 -2.09 -9.19
CA ASN A 248 8.90 -3.30 -8.75
C ASN A 248 9.77 -4.00 -7.71
N LEU A 249 9.13 -4.79 -6.89
CA LEU A 249 9.83 -5.75 -6.04
C LEU A 249 10.54 -6.72 -6.95
N ASP A 250 11.84 -6.91 -6.72
CA ASP A 250 12.59 -7.81 -7.57
C ASP A 250 12.22 -9.27 -7.24
N PRO A 251 11.58 -9.97 -8.17
CA PRO A 251 11.11 -11.28 -7.78
C PRO A 251 12.25 -12.30 -7.71
N GLY A 252 13.47 -11.98 -8.14
CA GLY A 252 14.59 -12.86 -7.92
C GLY A 252 14.91 -13.16 -6.46
N ASN A 253 14.45 -12.37 -5.50
CA ASN A 253 14.72 -12.68 -4.09
C ASN A 253 13.72 -13.66 -3.47
N PHE A 254 12.78 -14.16 -4.26
CA PHE A 254 11.70 -14.96 -3.76
C PHE A 254 11.52 -16.28 -4.47
N ASP A 255 10.95 -17.22 -3.76
CA ASP A 255 10.55 -18.44 -4.47
C ASP A 255 9.06 -18.74 -4.30
N ASP A 256 8.66 -19.96 -4.66
CA ASP A 256 7.26 -20.33 -4.77
C ASP A 256 6.61 -20.89 -3.54
N LYS A 257 7.40 -21.32 -2.56
CA LYS A 257 6.87 -22.10 -1.47
C LYS A 257 6.11 -21.29 -0.40
N ASP A 258 6.77 -20.33 0.22
CA ASP A 258 6.20 -19.65 1.37
C ASP A 258 5.36 -18.42 0.95
N PRO A 259 4.48 -17.93 1.82
CA PRO A 259 3.76 -16.74 1.51
C PRO A 259 4.67 -15.58 1.17
N LEU A 260 4.24 -14.74 0.25
CA LEU A 260 5.06 -13.53 -0.12
C LEU A 260 5.25 -12.60 1.07
N PHE A 261 4.23 -12.52 1.96
CA PHE A 261 4.33 -11.68 3.17
C PHE A 261 5.48 -12.19 4.03
N SER A 262 5.54 -13.52 4.23
CA SER A 262 6.62 -14.13 4.97
C SER A 262 8.00 -13.85 4.41
N GLN A 263 8.11 -14.05 3.13
CA GLN A 263 9.38 -13.95 2.41
C GLN A 263 9.85 -12.50 2.32
N LEU A 264 8.93 -11.56 2.15
CA LEU A 264 9.29 -10.09 2.16
C LEU A 264 9.83 -9.71 3.47
N LEU A 265 9.15 -10.08 4.58
CA LEU A 265 9.69 -9.72 5.84
C LEU A 265 11.11 -10.34 6.07
N GLN A 266 11.29 -11.60 5.67
CA GLN A 266 12.59 -12.26 5.79
C GLN A 266 13.66 -11.56 5.00
N VAL A 267 13.38 -11.25 3.77
CA VAL A 267 14.36 -10.65 2.87
C VAL A 267 14.76 -9.25 3.35
N VAL A 268 13.79 -8.45 3.75
CA VAL A 268 14.07 -7.16 4.34
C VAL A 268 14.85 -7.17 5.65
N LYS A 269 14.48 -8.08 6.53
CA LYS A 269 15.17 -8.21 7.78
C LYS A 269 16.65 -8.59 7.57
N SER A 270 16.90 -9.50 6.68
CA SER A 270 18.24 -10.02 6.42
C SER A 270 19.05 -8.88 5.79
N LYS A 271 18.45 -8.15 4.86
CA LYS A 271 19.15 -7.00 4.27
C LYS A 271 19.41 -5.92 5.28
N GLN A 272 18.43 -5.60 6.14
CA GLN A 272 18.60 -4.50 7.12
C GLN A 272 19.70 -4.84 8.13
N LYS A 273 19.78 -6.10 8.51
CA LYS A 273 20.87 -6.63 9.37
C LYS A 273 22.25 -6.35 8.76
N GLN A 274 22.39 -6.66 7.48
CA GLN A 274 23.59 -6.26 6.76
C GLN A 274 23.88 -4.76 6.72
N LEU A 275 22.89 -3.93 6.41
CA LEU A 275 23.01 -2.51 6.40
C LEU A 275 23.43 -1.91 7.76
N VAL A 276 22.81 -2.40 8.84
CA VAL A 276 23.08 -1.84 10.16
C VAL A 276 24.51 -2.25 10.48
N GLU A 277 24.90 -3.48 10.25
CA GLU A 277 26.28 -3.91 10.53
C GLU A 277 27.31 -3.11 9.75
N GLN A 278 27.14 -3.00 8.43
CA GLN A 278 27.99 -2.11 7.64
C GLN A 278 28.05 -0.74 8.19
N ALA A 279 26.91 -0.22 8.61
CA ALA A 279 26.87 1.14 9.01
C ALA A 279 27.67 1.33 10.28
N LYS A 280 27.51 0.43 11.23
CA LYS A 280 28.13 0.61 12.55
C LYS A 280 29.65 0.57 12.33
N GLU A 281 30.08 -0.43 11.57
CA GLU A 281 31.49 -0.74 11.41
C GLU A 281 32.27 0.27 10.60
N THR A 282 31.63 1.19 9.89
CA THR A 282 32.34 2.30 9.28
C THR A 282 32.82 3.30 10.33
N GLY A 283 32.27 3.18 11.55
CA GLY A 283 32.36 4.25 12.55
C GLY A 283 32.28 5.66 12.01
N GLN A 284 31.24 5.98 11.24
CA GLN A 284 30.96 7.38 10.84
C GLN A 284 29.47 7.69 10.89
N ILE A 285 29.13 8.95 10.66
CA ILE A 285 27.73 9.37 10.57
C ILE A 285 27.08 8.54 9.46
N GLN A 286 25.93 7.94 9.75
CA GLN A 286 25.11 7.35 8.72
C GLN A 286 23.67 7.78 8.95
N ARG A 287 22.96 8.00 7.85
CA ARG A 287 21.54 8.23 7.93
C ARG A 287 20.85 7.68 6.70
N PHE A 288 19.92 6.75 6.89
CA PHE A 288 19.21 6.21 5.78
C PHE A 288 18.01 5.41 6.33
N GLY A 289 17.11 5.08 5.41
CA GLY A 289 15.99 4.16 5.71
C GLY A 289 14.75 4.92 6.04
N ASP A 290 13.61 4.21 6.13
CA ASP A 290 12.37 4.88 6.44
C ASP A 290 11.42 3.86 7.14
N ASP A 291 10.20 4.30 7.35
CA ASP A 291 9.09 3.54 7.97
CA ASP A 291 9.27 3.40 8.01
C ASP A 291 8.80 2.35 7.01
N PHE A 292 8.66 1.11 7.49
CA PHE A 292 8.40 -0.08 6.74
C PHE A 292 7.08 -0.62 7.27
N THR A 293 6.02 -0.64 6.45
CA THR A 293 4.72 -1.18 6.85
CA THR A 293 4.75 -1.21 6.88
C THR A 293 4.28 -2.08 5.74
N VAL A 294 3.81 -3.30 6.09
CA VAL A 294 3.44 -4.32 5.13
C VAL A 294 2.11 -4.88 5.48
N GLY A 295 1.26 -5.03 4.48
CA GLY A 295 -0.01 -5.71 4.67
C GLY A 295 -0.27 -6.93 3.76
N ARG A 296 -0.98 -7.88 4.30
CA ARG A 296 -1.27 -9.14 3.60
C ARG A 296 -2.72 -9.26 3.48
N LEU A 297 -3.16 -9.59 2.27
CA LEU A 297 -4.58 -9.93 2.04
C LEU A 297 -4.62 -11.11 1.06
N VAL A 298 -4.99 -12.27 1.59
CA VAL A 298 -5.31 -13.43 0.75
C VAL A 298 -6.73 -13.31 0.15
N ILE A 299 -6.90 -13.51 -1.14
CA ILE A 299 -8.24 -13.42 -1.78
C ILE A 299 -9.17 -14.54 -1.25
N PRO A 300 -10.38 -14.20 -0.76
CA PRO A 300 -11.29 -15.09 -0.12
C PRO A 300 -12.00 -15.98 -1.14
N ASP A 301 -12.36 -17.17 -0.68
CA ASP A 301 -13.22 -18.01 -1.49
C ASP A 301 -14.69 -17.66 -1.29
N GLN A 302 -15.59 -18.26 -2.05
CA GLN A 302 -16.99 -17.85 -1.98
C GLN A 302 -17.62 -18.13 -0.66
N LEU A 303 -17.23 -19.24 -0.04
CA LEU A 303 -17.73 -19.51 1.29
C LEU A 303 -17.38 -18.42 2.33
N LEU A 304 -16.14 -17.94 2.32
CA LEU A 304 -15.81 -16.89 3.32
C LEU A 304 -16.54 -15.58 2.95
N ILE A 305 -16.62 -15.29 1.66
CA ILE A 305 -17.33 -14.09 1.17
C ILE A 305 -18.73 -14.10 1.72
N ASN A 306 -19.41 -15.24 1.60
CA ASN A 306 -20.77 -15.37 2.24
C ASN A 306 -20.86 -15.17 3.74
N GLN A 307 -19.87 -15.71 4.43
CA GLN A 307 -19.82 -15.62 5.87
C GLN A 307 -19.61 -14.19 6.26
N LEU A 308 -18.78 -13.50 5.53
CA LEU A 308 -18.56 -12.07 5.77
C LEU A 308 -19.77 -11.21 5.53
N ARG A 309 -20.51 -11.50 4.44
CA ARG A 309 -21.71 -10.75 4.17
C ARG A 309 -22.69 -10.87 5.31
N ILE A 310 -22.85 -12.08 5.82
CA ILE A 310 -23.74 -12.31 6.96
C ILE A 310 -23.26 -11.60 8.21
N HIS A 311 -21.97 -11.70 8.49
CA HIS A 311 -21.42 -10.96 9.61
C HIS A 311 -21.71 -9.49 9.48
N ALA A 312 -21.58 -8.89 8.30
CA ALA A 312 -21.80 -7.45 8.19
C ALA A 312 -23.25 -7.01 8.48
N LEU A 313 -24.20 -7.89 8.19
CA LEU A 313 -25.60 -7.61 8.46
C LEU A 313 -25.89 -7.43 9.94
N SER A 314 -25.56 -8.44 10.74
CA SER A 314 -25.72 -8.37 12.21
C SER A 314 -24.96 -7.23 12.92
N HIS A 315 -23.97 -6.65 12.22
CA HIS A 315 -23.17 -5.45 12.63
C HIS A 315 -21.76 -5.88 13.07
#